data_4NWD
#
_entry.id   4NWD
#
_cell.length_a   68.650
_cell.length_b   68.650
_cell.length_c   126.830
_cell.angle_alpha   90.000
_cell.angle_beta   90.000
_cell.angle_gamma   90.000
#
_symmetry.space_group_name_H-M   'P 41 2 2'
#
loop_
_entity.id
_entity.type
_entity.pdbx_description
1 polymer 'Glutamate receptor ionotropic, kainate 3'
2 non-polymer '(4R)-4-[3-(methylamino)-3-oxopropyl]-L-glutamic acid'
3 non-polymer 'POTASSIUM ION'
4 non-polymer 'CHLORIDE ION'
5 water water
#
_entity_poly.entity_id   1
_entity_poly.type   'polypeptide(L)'
_entity_poly.pdbx_seq_one_letter_code
;GPGTNRSLIVTTLLEEPFVMFRKSDRTLYGNDRFEGYCIDLLKELAHILGFSYEIRLVEDGKYGAQDDKGQWNGMVKELI
DHKADLAVAPLTITHVREKAIDFSKPFMTLGVSILYRKGTPIDSADDLAKQTKIEYGAVKDGATMTFFKKSKISTFEKMW
AFMSSKPSALVKNNEEGIQRTLTADYALLMESTTIEYITQRNCNLTQIGGLIDSKGYGIGTPMGSPYRDKITIAILQLQE
EDKLHIMKEKWWRGSGCP
;
_entity_poly.pdbx_strand_id   A
#
loop_
_chem_comp.id
_chem_comp.type
_chem_comp.name
_chem_comp.formula
CL non-polymer 'CHLORIDE ION' 'Cl -1'
K non-polymer 'POTASSIUM ION' 'K 1'
#
# COMPACT_ATOMS: atom_id res chain seq x y z
N ASN A 5 0.13 -27.21 -9.74
CA ASN A 5 0.28 -27.61 -11.14
C ASN A 5 -0.58 -26.75 -12.05
N ARG A 6 -1.45 -25.98 -11.42
CA ARG A 6 -2.48 -25.14 -12.04
C ARG A 6 -2.03 -23.67 -11.97
N SER A 7 -2.56 -22.81 -12.83
CA SER A 7 -2.22 -21.43 -12.60
C SER A 7 -2.87 -20.95 -11.31
N LEU A 8 -2.11 -20.13 -10.61
CA LEU A 8 -2.47 -19.54 -9.34
C LEU A 8 -3.33 -18.30 -9.60
N ILE A 9 -4.33 -18.08 -8.77
CA ILE A 9 -5.13 -16.88 -8.91
C ILE A 9 -4.45 -15.78 -8.08
N VAL A 10 -4.17 -14.65 -8.70
CA VAL A 10 -3.47 -13.57 -8.02
C VAL A 10 -4.44 -12.41 -7.88
N THR A 11 -4.70 -11.97 -6.66
CA THR A 11 -5.51 -10.78 -6.46
C THR A 11 -4.64 -9.54 -6.28
N THR A 12 -5.16 -8.44 -6.80
CA THR A 12 -4.45 -7.19 -6.75
C THR A 12 -5.39 -6.00 -6.89
N LEU A 13 -4.82 -4.81 -6.83
CA LEU A 13 -5.52 -3.57 -7.13
C LEU A 13 -4.54 -2.58 -7.78
N LEU A 14 -5.10 -1.57 -8.42
CA LEU A 14 -4.32 -0.56 -9.16
C LEU A 14 -3.70 0.42 -8.21
N GLU A 15 -2.38 0.54 -8.26
CA GLU A 15 -1.66 1.47 -7.38
C GLU A 15 -0.34 1.87 -7.98
N GLU A 16 -0.19 3.11 -8.44
CA GLU A 16 1.10 3.47 -9.03
C GLU A 16 2.19 3.55 -7.95
N PRO A 17 3.40 3.08 -8.27
CA PRO A 17 3.80 2.43 -9.52
C PRO A 17 3.83 0.94 -9.37
N PHE A 18 3.07 0.41 -8.41
CA PHE A 18 3.09 -1.02 -8.14
C PHE A 18 2.32 -1.87 -9.15
N VAL A 19 1.09 -1.49 -9.48
CA VAL A 19 0.26 -2.28 -10.40
C VAL A 19 -0.50 -1.24 -11.23
N MET A 20 -0.31 -1.22 -12.54
CA MET A 20 -0.98 -0.22 -13.37
C MET A 20 -1.47 -0.83 -14.66
N PHE A 21 -2.42 -0.18 -15.32
CA PHE A 21 -2.83 -0.54 -16.66
C PHE A 21 -1.77 -0.08 -17.61
N ARG A 22 -1.27 -1.02 -18.38
CA ARG A 22 -0.25 -0.71 -19.31
C ARG A 22 -0.89 0.07 -20.48
N LYS A 23 -0.12 0.97 -21.08
CA LYS A 23 -0.58 1.80 -22.18
C LYS A 23 -0.57 1.07 -23.52
N SER A 24 -1.64 1.14 -24.30
CA SER A 24 -1.63 0.54 -25.63
C SER A 24 -2.73 1.08 -26.56
N ASP A 25 -2.50 1.00 -27.87
CA ASP A 25 -3.55 1.27 -28.86
C ASP A 25 -4.53 0.11 -28.92
N ARG A 26 -4.01 -1.12 -28.80
CA ARG A 26 -4.82 -2.34 -28.72
C ARG A 26 -5.69 -2.32 -27.47
N THR A 27 -6.82 -3.01 -27.49
CA THR A 27 -7.44 -3.39 -26.24
C THR A 27 -6.69 -4.60 -25.65
N LEU A 28 -6.25 -4.49 -24.40
CA LEU A 28 -5.50 -5.58 -23.80
C LEU A 28 -6.42 -6.44 -22.96
N TYR A 29 -5.97 -7.65 -22.73
CA TYR A 29 -6.65 -8.64 -21.94
C TYR A 29 -5.68 -9.54 -21.20
N GLY A 30 -6.18 -10.27 -20.21
CA GLY A 30 -5.38 -11.17 -19.40
C GLY A 30 -4.28 -10.45 -18.65
N ASN A 31 -3.20 -11.17 -18.35
CA ASN A 31 -2.12 -10.63 -17.54
C ASN A 31 -1.44 -9.44 -18.20
N ASP A 32 -1.47 -9.44 -19.53
CA ASP A 32 -0.83 -8.42 -20.37
C ASP A 32 -1.36 -6.98 -20.11
N ARG A 33 -2.50 -6.86 -19.48
CA ARG A 33 -3.06 -5.55 -19.15
C ARG A 33 -2.18 -4.76 -18.15
N PHE A 34 -1.40 -5.47 -17.34
CA PHE A 34 -0.79 -4.91 -16.13
C PHE A 34 0.72 -4.74 -16.23
N GLU A 35 1.26 -3.71 -15.60
CA GLU A 35 2.71 -3.57 -15.46
C GLU A 35 3.01 -2.87 -14.13
N GLY A 36 4.27 -2.82 -13.73
CA GLY A 36 4.62 -2.14 -12.50
C GLY A 36 5.56 -2.94 -11.62
N TYR A 37 5.97 -2.37 -10.50
CA TYR A 37 6.92 -3.04 -9.63
C TYR A 37 6.45 -4.44 -9.18
N CYS A 38 5.19 -4.55 -8.77
CA CYS A 38 4.66 -5.84 -8.31
C CYS A 38 4.51 -6.85 -9.43
N ILE A 39 4.30 -6.37 -10.63
CA ILE A 39 4.20 -7.26 -11.79
C ILE A 39 5.59 -7.79 -12.13
N ASP A 40 6.57 -6.91 -12.10
CA ASP A 40 7.96 -7.30 -12.26
C ASP A 40 8.36 -8.32 -11.20
N LEU A 41 7.95 -8.09 -9.97
CA LEU A 41 8.24 -8.99 -8.86
C LEU A 41 7.57 -10.36 -9.06
N LEU A 42 6.30 -10.32 -9.45
CA LEU A 42 5.51 -11.50 -9.71
C LEU A 42 6.16 -12.32 -10.84
N LYS A 43 6.56 -11.67 -11.92
CA LYS A 43 7.26 -12.36 -12.99
C LYS A 43 8.54 -13.06 -12.51
N GLU A 44 9.33 -12.43 -11.67
CA GLU A 44 10.57 -13.05 -11.22
C GLU A 44 10.28 -14.27 -10.34
N LEU A 45 9.30 -14.15 -9.44
CA LEU A 45 8.92 -15.26 -8.60
C LEU A 45 8.42 -16.42 -9.44
N ALA A 46 7.60 -16.13 -10.45
CA ALA A 46 7.06 -17.15 -11.32
C ALA A 46 8.17 -17.86 -12.09
N HIS A 47 9.18 -17.09 -12.50
CA HIS A 47 10.30 -17.66 -13.22
C HIS A 47 11.14 -18.57 -12.32
N ILE A 48 11.51 -18.05 -11.15
CA ILE A 48 12.31 -18.77 -10.19
C ILE A 48 11.57 -20.04 -9.73
N LEU A 49 10.27 -19.92 -9.45
CA LEU A 49 9.55 -21.01 -8.77
C LEU A 49 8.78 -21.92 -9.76
N GLY A 50 8.69 -21.50 -11.02
CA GLY A 50 8.04 -22.31 -12.02
C GLY A 50 6.53 -22.42 -11.86
N PHE A 51 5.83 -21.30 -11.66
CA PHE A 51 4.39 -21.30 -11.67
C PHE A 51 3.83 -20.22 -12.61
N SER A 52 2.58 -20.40 -12.99
CA SER A 52 1.85 -19.46 -13.81
C SER A 52 0.73 -18.91 -12.99
N TYR A 53 0.05 -17.91 -13.53
CA TYR A 53 -0.92 -17.21 -12.74
C TYR A 53 -1.89 -16.49 -13.62
N GLU A 54 -3.01 -16.11 -13.01
CA GLU A 54 -4.00 -15.29 -13.65
C GLU A 54 -4.25 -14.16 -12.69
N ILE A 55 -4.03 -12.91 -13.14
CA ILE A 55 -4.21 -11.73 -12.30
C ILE A 55 -5.67 -11.22 -12.34
N ARG A 56 -6.24 -10.95 -11.16
CA ARG A 56 -7.61 -10.41 -11.05
C ARG A 56 -7.66 -9.24 -10.12
N LEU A 57 -8.38 -8.20 -10.52
CA LEU A 57 -8.52 -7.03 -9.66
C LEU A 57 -9.56 -7.31 -8.60
N VAL A 58 -9.25 -7.03 -7.33
CA VAL A 58 -10.20 -7.25 -6.22
C VAL A 58 -11.42 -6.37 -6.41
N GLU A 59 -12.62 -6.94 -6.30
CA GLU A 59 -13.82 -6.22 -6.67
C GLU A 59 -14.05 -4.93 -5.88
N ASP A 60 -13.80 -4.94 -4.57
CA ASP A 60 -14.12 -3.76 -3.77
C ASP A 60 -13.00 -2.72 -3.76
N GLY A 61 -11.90 -3.04 -4.43
CA GLY A 61 -10.82 -2.09 -4.55
C GLY A 61 -10.12 -1.73 -3.26
N LYS A 62 -10.26 -2.58 -2.24
CA LYS A 62 -9.69 -2.32 -0.92
C LYS A 62 -8.55 -3.28 -0.59
N TYR A 63 -7.68 -2.87 0.30
CA TYR A 63 -6.60 -3.70 0.79
C TYR A 63 -7.14 -4.69 1.81
N GLY A 64 -7.77 -4.16 2.86
CA GLY A 64 -8.58 -4.97 3.76
C GLY A 64 -8.53 -4.55 5.21
N ALA A 65 -9.71 -4.45 5.82
CA ALA A 65 -9.88 -4.13 7.24
C ALA A 65 -11.09 -4.87 7.80
N GLN A 66 -11.20 -4.90 9.13
CA GLN A 66 -12.32 -5.56 9.81
C GLN A 66 -13.41 -4.55 10.13
N ASP A 67 -14.66 -4.94 9.94
CA ASP A 67 -15.79 -4.12 10.36
C ASP A 67 -16.10 -4.38 11.85
N ASP A 68 -17.19 -3.79 12.34
CA ASP A 68 -17.51 -3.83 13.77
C ASP A 68 -17.85 -5.24 14.22
N LYS A 69 -18.34 -6.07 13.31
CA LYS A 69 -18.64 -7.45 13.61
C LYS A 69 -17.41 -8.35 13.46
N GLY A 70 -16.30 -7.80 12.96
CA GLY A 70 -15.04 -8.54 12.84
C GLY A 70 -14.81 -9.18 11.48
N GLN A 71 -15.69 -8.84 10.54
CA GLN A 71 -15.63 -9.30 9.15
C GLN A 71 -14.66 -8.48 8.29
N TRP A 72 -13.86 -9.18 7.48
CA TRP A 72 -12.87 -8.54 6.62
C TRP A 72 -13.42 -8.19 5.25
N ASN A 73 -12.74 -7.27 4.59
CA ASN A 73 -12.99 -6.95 3.19
C ASN A 73 -11.68 -6.91 2.43
N GLY A 74 -11.73 -6.42 1.19
CA GLY A 74 -10.54 -6.21 0.38
C GLY A 74 -9.83 -7.50 0.00
N MET A 75 -8.56 -7.38 -0.35
CA MET A 75 -7.76 -8.53 -0.73
C MET A 75 -7.63 -9.52 0.42
N VAL A 76 -7.63 -9.00 1.66
CA VAL A 76 -7.51 -9.88 2.83
C VAL A 76 -8.68 -10.87 2.83
N LYS A 77 -9.86 -10.38 2.54
CA LYS A 77 -11.02 -11.27 2.50
C LYS A 77 -10.90 -12.30 1.35
N GLU A 78 -10.37 -11.89 0.20
CA GLU A 78 -10.16 -12.81 -0.92
C GLU A 78 -9.30 -14.01 -0.51
N LEU A 79 -8.26 -13.75 0.25
CA LEU A 79 -7.40 -14.80 0.75
C LEU A 79 -8.15 -15.65 1.79
N ILE A 80 -8.87 -15.01 2.70
CA ILE A 80 -9.58 -15.76 3.69
C ILE A 80 -10.56 -16.73 3.07
N ASP A 81 -11.25 -16.29 2.02
CA ASP A 81 -12.25 -17.10 1.34
C ASP A 81 -11.64 -18.08 0.34
N HIS A 82 -10.31 -18.03 0.20
CA HIS A 82 -9.62 -18.86 -0.78
C HIS A 82 -10.09 -18.61 -2.22
N LYS A 83 -10.50 -17.38 -2.51
CA LYS A 83 -10.81 -17.02 -3.88
C LYS A 83 -9.54 -16.59 -4.63
N ALA A 84 -8.45 -16.37 -3.91
CA ALA A 84 -7.17 -16.14 -4.55
C ALA A 84 -6.07 -16.92 -3.82
N ASP A 85 -5.02 -17.29 -4.53
CA ASP A 85 -3.90 -17.98 -3.90
C ASP A 85 -2.88 -17.01 -3.35
N LEU A 86 -2.72 -15.89 -4.04
CA LEU A 86 -1.74 -14.86 -3.67
C LEU A 86 -2.37 -13.47 -3.76
N ALA A 87 -1.93 -12.59 -2.87
CA ALA A 87 -2.20 -11.18 -2.99
C ALA A 87 -0.91 -10.47 -3.30
N VAL A 88 -0.76 -10.01 -4.55
CA VAL A 88 0.47 -9.36 -4.99
C VAL A 88 0.24 -7.85 -5.15
N ALA A 89 0.72 -7.05 -4.21
CA ALA A 89 0.34 -5.65 -4.10
C ALA A 89 1.18 -4.98 -2.99
N PRO A 90 1.13 -3.64 -2.90
CA PRO A 90 1.81 -3.08 -1.73
C PRO A 90 0.96 -3.29 -0.47
N LEU A 91 0.92 -4.54 -0.01
CA LEU A 91 0.09 -4.98 1.11
C LEU A 91 0.90 -4.99 2.41
N THR A 92 0.52 -4.14 3.34
CA THR A 92 1.29 -3.99 4.57
C THR A 92 1.10 -5.20 5.50
N ILE A 93 2.21 -5.70 5.99
CA ILE A 93 2.22 -6.82 6.90
C ILE A 93 1.91 -6.33 8.29
N THR A 94 0.84 -6.80 8.91
CA THR A 94 0.58 -6.27 10.22
C THR A 94 0.15 -7.42 11.09
N HIS A 95 0.38 -7.30 12.40
CA HIS A 95 0.01 -8.34 13.35
C HIS A 95 -1.51 -8.58 13.36
N VAL A 96 -2.31 -7.52 13.20
CA VAL A 96 -3.77 -7.69 13.26
C VAL A 96 -4.23 -8.56 12.09
N ARG A 97 -3.59 -8.39 10.95
CA ARG A 97 -3.88 -9.17 9.74
C ARG A 97 -3.37 -10.61 9.78
N GLU A 98 -2.26 -10.85 10.47
CA GLU A 98 -1.67 -12.19 10.57
C GLU A 98 -2.63 -13.11 11.32
N LYS A 99 -3.61 -12.50 11.92
CA LYS A 99 -4.70 -13.20 12.54
C LYS A 99 -5.65 -13.87 11.51
N ALA A 100 -5.60 -13.45 10.25
CA ALA A 100 -6.59 -13.89 9.26
C ALA A 100 -5.89 -14.54 8.06
N ILE A 101 -4.74 -14.00 7.71
CA ILE A 101 -3.98 -14.45 6.57
C ILE A 101 -2.51 -14.61 6.99
N ASP A 102 -1.67 -15.07 6.04
CA ASP A 102 -0.24 -15.19 6.29
C ASP A 102 0.50 -14.22 5.33
N PHE A 103 1.80 -14.02 5.52
CA PHE A 103 2.57 -13.15 4.64
C PHE A 103 3.92 -13.75 4.28
N SER A 104 4.42 -13.47 3.09
CA SER A 104 5.82 -13.75 2.82
C SER A 104 6.66 -12.84 3.72
N LYS A 105 7.96 -13.09 3.79
CA LYS A 105 8.86 -12.11 4.36
C LYS A 105 8.68 -10.85 3.51
N PRO A 106 8.97 -9.67 4.08
CA PRO A 106 8.81 -8.39 3.37
C PRO A 106 9.68 -8.21 2.12
N PHE A 107 9.12 -7.61 1.07
CA PHE A 107 9.93 -7.34 -0.11
C PHE A 107 10.30 -5.85 -0.15
N MET A 108 9.75 -5.06 0.76
CA MET A 108 10.06 -3.63 0.79
C MET A 108 9.77 -3.10 2.18
N THR A 109 10.64 -2.23 2.68
CA THR A 109 10.42 -1.60 4.00
C THR A 109 9.96 -0.16 3.84
N LEU A 110 9.03 0.25 4.69
CA LEU A 110 8.52 1.61 4.64
C LEU A 110 8.00 2.13 6.00
N GLY A 111 7.54 3.36 6.07
CA GLY A 111 6.85 3.80 7.27
C GLY A 111 5.77 4.81 6.98
N VAL A 112 4.87 4.98 7.94
CA VAL A 112 3.83 5.99 7.86
C VAL A 112 4.50 7.35 8.04
N SER A 113 4.12 8.31 7.20
CA SER A 113 4.53 9.70 7.30
C SER A 113 3.39 10.60 6.81
N ILE A 114 3.70 11.86 6.53
CA ILE A 114 2.66 12.84 6.21
C ILE A 114 2.88 13.43 4.82
N LEU A 115 1.83 13.46 4.00
CA LEU A 115 1.91 14.15 2.71
C LEU A 115 1.10 15.45 2.80
N TYR A 116 1.70 16.57 2.43
CA TYR A 116 1.05 17.87 2.61
C TYR A 116 1.64 18.88 1.63
N ARG A 117 0.89 19.93 1.30
CA ARG A 117 1.38 20.96 0.41
C ARG A 117 2.47 21.80 1.09
N LYS A 118 3.51 22.19 0.35
CA LYS A 118 4.50 23.15 0.86
C LYS A 118 3.81 24.46 1.19
N GLY A 119 4.00 24.97 2.40
CA GLY A 119 3.30 26.16 2.81
C GLY A 119 3.41 26.32 4.30
N THR A 120 2.33 25.97 5.00
CA THR A 120 2.32 26.04 6.46
C THR A 120 3.43 25.14 6.94
N PRO A 121 4.37 25.71 7.68
CA PRO A 121 5.61 25.01 8.02
C PRO A 121 5.44 24.14 9.24
N ILE A 122 4.51 23.19 9.10
CA ILE A 122 4.38 22.14 10.09
C ILE A 122 5.58 21.26 9.92
N ASP A 123 5.99 20.57 10.99
CA ASP A 123 7.25 19.85 10.95
C ASP A 123 6.98 18.45 11.49
N SER A 124 5.74 18.21 11.95
CA SER A 124 5.42 16.91 12.52
C SER A 124 3.94 16.62 12.73
N ALA A 125 3.68 15.34 13.01
CA ALA A 125 2.35 14.82 13.36
C ALA A 125 1.73 15.50 14.57
N ASP A 126 2.56 15.77 15.55
CA ASP A 126 2.12 16.44 16.77
C ASP A 126 1.39 17.73 16.47
N ASP A 127 1.91 18.46 15.49
CA ASP A 127 1.33 19.72 15.05
C ASP A 127 -0.05 19.58 14.43
N LEU A 128 -0.29 18.48 13.75
CA LEU A 128 -1.60 18.24 13.17
C LEU A 128 -2.60 17.91 14.25
N ALA A 129 -2.16 17.10 15.21
CA ALA A 129 -3.07 16.53 16.19
C ALA A 129 -3.65 17.58 17.12
N LYS A 130 -2.93 18.68 17.29
CA LYS A 130 -3.30 19.71 18.26
C LYS A 130 -4.18 20.81 17.65
N GLN A 131 -4.77 20.56 16.48
CA GLN A 131 -5.55 21.58 15.79
C GLN A 131 -6.57 20.97 14.82
N THR A 132 -7.41 21.80 14.21
CA THR A 132 -8.38 21.28 13.24
C THR A 132 -8.52 22.10 11.96
N LYS A 133 -7.84 23.24 11.86
CA LYS A 133 -7.91 24.07 10.66
C LYS A 133 -7.43 23.30 9.41
N ILE A 134 -6.31 22.62 9.58
CA ILE A 134 -5.85 21.64 8.60
C ILE A 134 -6.45 20.28 8.88
N GLU A 135 -7.35 19.85 8.02
CA GLU A 135 -7.93 18.54 8.14
C GLU A 135 -6.89 17.51 7.70
N TYR A 136 -7.01 16.28 8.20
CA TYR A 136 -6.09 15.22 7.83
C TYR A 136 -6.83 13.90 7.93
N GLY A 137 -6.32 12.89 7.23
CA GLY A 137 -6.94 11.58 7.21
C GLY A 137 -6.06 10.56 6.54
N ALA A 138 -6.68 9.48 6.08
CA ALA A 138 -5.99 8.32 5.53
C ALA A 138 -6.91 7.56 4.60
N VAL A 139 -6.36 6.61 3.86
CA VAL A 139 -7.14 5.74 2.99
C VAL A 139 -8.03 4.80 3.79
N LYS A 140 -9.31 4.77 3.44
CA LYS A 140 -10.24 3.90 4.15
C LYS A 140 -9.90 2.44 4.03
N ASP A 141 -9.93 1.76 5.18
CA ASP A 141 -9.75 0.33 5.24
C ASP A 141 -8.36 -0.10 4.81
N GLY A 142 -7.38 0.75 5.02
CA GLY A 142 -6.00 0.36 4.84
C GLY A 142 -5.20 0.26 6.14
N ALA A 143 -3.93 -0.12 6.01
CA ALA A 143 -3.06 -0.32 7.16
C ALA A 143 -2.82 0.97 7.95
N THR A 144 -2.75 2.09 7.24
CA THR A 144 -2.46 3.33 7.93
C THR A 144 -3.64 3.72 8.84
N MET A 145 -4.87 3.63 8.33
CA MET A 145 -6.05 3.92 9.12
C MET A 145 -6.10 3.06 10.36
N THR A 146 -5.88 1.77 10.18
CA THR A 146 -5.97 0.78 11.24
C THR A 146 -4.90 1.01 12.30
N PHE A 147 -3.72 1.45 11.86
CA PHE A 147 -2.63 1.79 12.75
C PHE A 147 -3.11 2.86 13.71
N PHE A 148 -3.76 3.89 13.19
CA PHE A 148 -4.24 4.95 14.06
C PHE A 148 -5.38 4.48 14.95
N LYS A 149 -6.27 3.66 14.40
CA LYS A 149 -7.42 3.18 15.14
C LYS A 149 -7.00 2.36 16.37
N LYS A 150 -5.90 1.63 16.23
CA LYS A 150 -5.41 0.69 17.23
C LYS A 150 -4.31 1.25 18.14
N SER A 151 -3.84 2.46 17.86
CA SER A 151 -2.70 3.01 18.58
C SER A 151 -3.03 3.38 20.00
N LYS A 152 -2.04 3.20 20.87
CA LYS A 152 -2.13 3.60 22.27
C LYS A 152 -1.18 4.75 22.54
N ILE A 153 -0.56 5.25 21.50
CA ILE A 153 0.27 6.44 21.59
C ILE A 153 -0.66 7.67 21.68
N SER A 154 -0.46 8.50 22.71
CA SER A 154 -1.39 9.62 23.01
C SER A 154 -1.73 10.46 21.78
N THR A 155 -0.71 10.87 21.05
CA THR A 155 -0.86 11.74 19.88
C THR A 155 -1.74 11.14 18.78
N PHE A 156 -1.50 9.88 18.46
CA PHE A 156 -2.19 9.14 17.37
C PHE A 156 -3.63 8.85 17.79
N GLU A 157 -3.82 8.66 19.09
CA GLU A 157 -5.15 8.54 19.65
C GLU A 157 -5.91 9.82 19.39
N LYS A 158 -5.24 10.96 19.59
CA LYS A 158 -5.90 12.23 19.31
C LYS A 158 -6.28 12.33 17.84
N MET A 159 -5.40 11.84 16.98
CA MET A 159 -5.61 11.91 15.54
C MET A 159 -6.75 11.02 15.07
N TRP A 160 -6.86 9.82 15.62
CA TRP A 160 -7.93 8.90 15.24
C TRP A 160 -9.29 9.45 15.62
N ALA A 161 -9.34 10.07 16.79
CA ALA A 161 -10.54 10.71 17.30
C ALA A 161 -11.04 11.75 16.30
N PHE A 162 -10.09 12.46 15.72
CA PHE A 162 -10.39 13.53 14.77
C PHE A 162 -10.86 12.95 13.45
N MET A 163 -10.07 12.01 12.93
CA MET A 163 -10.31 11.37 11.64
C MET A 163 -11.67 10.71 11.56
N SER A 164 -12.08 10.08 12.66
CA SER A 164 -13.27 9.26 12.70
C SER A 164 -14.57 10.06 12.96
N SER A 165 -14.44 11.36 13.26
CA SER A 165 -15.58 12.24 13.54
C SER A 165 -15.88 13.13 12.33
N LYS A 166 -14.93 13.12 11.42
CA LYS A 166 -14.87 14.02 10.27
C LYS A 166 -15.18 13.14 9.07
N PRO A 167 -16.38 13.34 8.48
CA PRO A 167 -16.97 12.53 7.41
C PRO A 167 -16.10 12.19 6.20
N SER A 168 -15.38 13.09 5.56
CA SER A 168 -14.64 12.57 4.41
C SER A 168 -13.13 12.55 4.56
N ALA A 169 -12.69 12.49 5.81
CA ALA A 169 -11.30 12.67 6.20
C ALA A 169 -10.58 11.46 5.62
N LEU A 170 -11.28 10.33 5.68
CA LEU A 170 -10.79 9.05 5.19
C LEU A 170 -11.25 8.89 3.75
N VAL A 171 -10.29 8.68 2.87
CA VAL A 171 -10.57 8.70 1.44
C VAL A 171 -10.57 7.29 0.85
N LYS A 172 -11.15 7.16 -0.34
CA LYS A 172 -11.37 5.86 -0.94
C LYS A 172 -10.03 5.26 -1.35
N ASN A 173 -9.12 6.09 -1.85
CA ASN A 173 -7.81 5.62 -2.32
C ASN A 173 -6.80 6.74 -2.45
N ASN A 174 -5.56 6.41 -2.79
CA ASN A 174 -4.51 7.39 -2.90
C ASN A 174 -4.81 8.50 -3.86
N GLU A 175 -5.36 8.13 -5.01
CA GLU A 175 -5.61 9.09 -6.07
C GLU A 175 -6.51 10.18 -5.50
N GLU A 176 -7.56 9.76 -4.81
CA GLU A 176 -8.49 10.68 -4.17
C GLU A 176 -7.80 11.53 -3.09
N GLY A 177 -6.98 10.85 -2.28
CA GLY A 177 -6.26 11.50 -1.19
C GLY A 177 -5.27 12.54 -1.66
N ILE A 178 -4.51 12.20 -2.70
CA ILE A 178 -3.51 13.12 -3.22
C ILE A 178 -4.19 14.35 -3.77
N GLN A 179 -5.25 14.13 -4.53
CA GLN A 179 -6.03 15.23 -5.07
C GLN A 179 -6.55 16.15 -3.97
N ARG A 180 -6.98 15.58 -2.85
CA ARG A 180 -7.47 16.38 -1.75
CA ARG A 180 -7.47 16.39 -1.75
C ARG A 180 -6.36 17.27 -1.17
N THR A 181 -5.15 16.76 -1.07
CA THR A 181 -4.06 17.59 -0.57
C THR A 181 -3.73 18.74 -1.52
N LEU A 182 -4.06 18.58 -2.79
CA LEU A 182 -3.74 19.54 -3.82
C LEU A 182 -4.82 20.61 -3.96
N THR A 183 -6.02 20.32 -3.46
CA THR A 183 -7.18 21.18 -3.71
C THR A 183 -7.80 21.69 -2.41
N ALA A 184 -7.41 21.12 -1.28
CA ALA A 184 -7.96 21.54 -0.01
C ALA A 184 -6.84 21.66 0.96
N ASP A 185 -7.09 22.28 2.11
CA ASP A 185 -6.08 22.38 3.12
C ASP A 185 -6.15 21.10 3.93
N TYR A 186 -5.52 20.07 3.39
CA TYR A 186 -5.66 18.70 3.85
C TYR A 186 -4.33 17.97 3.83
N ALA A 187 -4.05 17.22 4.89
CA ALA A 187 -2.84 16.40 4.94
C ALA A 187 -3.20 14.92 4.88
N LEU A 188 -2.49 14.15 4.06
CA LEU A 188 -2.77 12.72 3.95
C LEU A 188 -1.73 11.86 4.67
N LEU A 189 -2.21 11.02 5.59
CA LEU A 189 -1.36 10.02 6.24
C LEU A 189 -1.13 8.83 5.35
N MET A 190 0.11 8.71 4.90
CA MET A 190 0.42 7.82 3.80
C MET A 190 1.76 7.10 4.03
N GLU A 191 2.00 6.01 3.31
CA GLU A 191 3.25 5.27 3.44
C GLU A 191 4.41 5.88 2.66
N SER A 192 5.61 5.81 3.23
CA SER A 192 6.72 6.68 2.83
C SER A 192 7.29 6.46 1.45
N THR A 193 7.29 5.22 0.99
CA THR A 193 7.88 4.99 -0.32
C THR A 193 6.89 5.49 -1.37
N THR A 194 5.61 5.53 -1.04
CA THR A 194 4.64 6.18 -1.91
C THR A 194 4.76 7.71 -1.90
N ILE A 195 4.99 8.27 -0.72
CA ILE A 195 5.20 9.72 -0.56
C ILE A 195 6.39 10.11 -1.38
N GLU A 196 7.41 9.26 -1.33
CA GLU A 196 8.58 9.51 -2.13
C GLU A 196 8.32 9.63 -3.63
N TYR A 197 7.50 8.71 -4.17
CA TYR A 197 7.18 8.67 -5.57
C TYR A 197 6.39 9.92 -5.95
N ILE A 198 5.40 10.26 -5.13
CA ILE A 198 4.48 11.36 -5.38
C ILE A 198 5.17 12.72 -5.32
N THR A 199 6.03 12.91 -4.33
CA THR A 199 6.66 14.22 -4.17
C THR A 199 7.75 14.45 -5.24
N GLN A 200 8.22 13.41 -5.90
CA GLN A 200 9.15 13.60 -7.00
C GLN A 200 8.42 14.10 -8.24
N ARG A 201 7.12 13.89 -8.27
CA ARG A 201 6.32 14.19 -9.46
C ARG A 201 5.41 15.38 -9.26
N ASN A 202 5.01 15.62 -8.03
CA ASN A 202 4.20 16.76 -7.65
C ASN A 202 4.97 17.76 -6.78
N CYS A 203 5.54 18.80 -7.38
CA CYS A 203 6.56 19.60 -6.70
C CYS A 203 6.05 20.54 -5.63
N ASN A 204 4.74 20.68 -5.56
CA ASN A 204 4.09 21.45 -4.52
C ASN A 204 3.66 20.60 -3.29
N LEU A 205 3.92 19.29 -3.34
CA LEU A 205 3.64 18.43 -2.20
C LEU A 205 4.97 18.10 -1.56
N THR A 206 4.94 17.75 -0.28
CA THR A 206 6.17 17.44 0.42
C THR A 206 5.89 16.45 1.51
N GLN A 207 6.92 15.75 1.96
CA GLN A 207 6.78 14.96 3.17
C GLN A 207 6.94 15.85 4.43
N ILE A 208 6.09 15.62 5.41
CA ILE A 208 6.22 16.38 6.62
C ILE A 208 6.71 15.42 7.69
N GLY A 209 7.85 15.78 8.28
CA GLY A 209 8.48 14.98 9.29
C GLY A 209 9.11 13.73 8.72
N GLY A 210 9.52 12.85 9.62
CA GLY A 210 10.21 11.65 9.26
C GLY A 210 9.23 10.51 9.34
N LEU A 211 9.74 9.30 9.50
CA LEU A 211 8.87 8.15 9.60
C LEU A 211 8.36 7.99 11.01
N ILE A 212 7.06 7.74 11.15
CA ILE A 212 6.47 7.61 12.49
C ILE A 212 6.52 6.16 12.96
N ASP A 213 6.66 5.23 12.02
CA ASP A 213 6.81 3.81 12.38
C ASP A 213 7.59 3.10 11.28
N SER A 214 7.76 1.80 11.47
CA SER A 214 8.50 1.01 10.52
C SER A 214 7.99 -0.40 10.23
N LYS A 215 7.61 -0.65 8.98
CA LYS A 215 6.98 -1.92 8.62
C LYS A 215 7.29 -2.36 7.19
N GLY A 216 6.65 -3.43 6.73
CA GLY A 216 7.01 -4.05 5.47
C GLY A 216 5.87 -4.33 4.52
N TYR A 217 6.15 -4.43 3.22
CA TYR A 217 5.16 -5.03 2.33
C TYR A 217 5.46 -6.51 2.14
N GLY A 218 4.44 -7.35 2.12
CA GLY A 218 4.68 -8.74 1.83
C GLY A 218 3.61 -9.30 0.95
N ILE A 219 3.88 -10.44 0.32
CA ILE A 219 2.87 -11.16 -0.41
C ILE A 219 1.93 -11.96 0.51
N GLY A 220 0.64 -11.65 0.42
CA GLY A 220 -0.37 -12.30 1.25
C GLY A 220 -0.74 -13.67 0.72
N THR A 221 -1.03 -14.58 1.62
CA THR A 221 -1.53 -15.89 1.24
C THR A 221 -2.61 -16.33 2.21
N PRO A 222 -3.44 -17.29 1.80
CA PRO A 222 -4.33 -17.90 2.78
C PRO A 222 -3.49 -18.55 3.88
N MET A 223 -4.05 -18.67 5.08
CA MET A 223 -3.29 -19.18 6.19
C MET A 223 -2.94 -20.63 5.83
N GLY A 224 -1.68 -21.03 6.01
CA GLY A 224 -1.25 -22.38 5.69
C GLY A 224 -0.97 -22.64 4.21
N SER A 225 -0.97 -21.61 3.38
CA SER A 225 -0.64 -21.79 1.97
C SER A 225 0.66 -22.55 1.76
N PRO A 226 0.70 -23.45 0.77
CA PRO A 226 1.87 -24.24 0.40
C PRO A 226 2.86 -23.49 -0.48
N TYR A 227 2.55 -22.25 -0.83
CA TYR A 227 3.37 -21.42 -1.71
C TYR A 227 4.16 -20.41 -0.90
N ARG A 228 3.73 -20.17 0.34
CA ARG A 228 4.24 -19.04 1.08
C ARG A 228 5.74 -19.17 1.39
N ASP A 229 6.16 -20.35 1.80
CA ASP A 229 7.56 -20.63 2.15
C ASP A 229 8.44 -20.49 0.92
N LYS A 230 7.93 -21.00 -0.20
CA LYS A 230 8.69 -20.98 -1.45
C LYS A 230 8.85 -19.53 -1.97
N ILE A 231 7.83 -18.70 -1.77
CA ILE A 231 7.87 -17.28 -2.09
C ILE A 231 8.86 -16.51 -1.22
N THR A 232 8.86 -16.82 0.07
CA THR A 232 9.78 -16.19 1.00
C THR A 232 11.24 -16.43 0.63
N ILE A 233 11.59 -17.66 0.27
CA ILE A 233 12.98 -17.94 -0.03
C ILE A 233 13.38 -17.25 -1.32
N ALA A 234 12.46 -17.18 -2.27
CA ALA A 234 12.78 -16.50 -3.50
C ALA A 234 12.96 -15.01 -3.26
N ILE A 235 12.09 -14.42 -2.45
CA ILE A 235 12.23 -13.02 -2.05
C ILE A 235 13.56 -12.74 -1.37
N LEU A 236 13.93 -13.58 -0.41
CA LEU A 236 15.16 -13.44 0.34
C LEU A 236 16.34 -13.41 -0.64
N GLN A 237 16.30 -14.30 -1.63
CA GLN A 237 17.38 -14.43 -2.59
C GLN A 237 17.45 -13.21 -3.50
N LEU A 238 16.30 -12.67 -3.88
CA LEU A 238 16.27 -11.45 -4.66
C LEU A 238 16.93 -10.30 -3.91
N GLN A 239 16.71 -10.22 -2.60
CA GLN A 239 17.27 -9.11 -1.83
C GLN A 239 18.77 -9.19 -1.65
N GLU A 240 19.27 -10.41 -1.46
CA GLU A 240 20.70 -10.67 -1.30
C GLU A 240 21.51 -10.10 -2.43
N GLU A 241 20.91 -10.10 -3.60
CA GLU A 241 21.58 -9.69 -4.81
C GLU A 241 21.22 -8.26 -5.23
N ASP A 242 20.51 -7.55 -4.35
CA ASP A 242 20.13 -6.14 -4.51
C ASP A 242 19.15 -5.91 -5.66
N LYS A 243 18.50 -6.99 -6.09
CA LYS A 243 17.59 -6.93 -7.22
C LYS A 243 16.33 -6.17 -6.94
N LEU A 244 15.87 -6.21 -5.70
CA LEU A 244 14.66 -5.49 -5.38
C LEU A 244 15.00 -3.99 -5.28
N HIS A 245 16.20 -3.69 -4.83
CA HIS A 245 16.66 -2.32 -4.86
C HIS A 245 16.71 -1.73 -6.29
N ILE A 246 17.21 -2.54 -7.22
CA ILE A 246 17.33 -2.16 -8.61
C ILE A 246 15.97 -2.01 -9.25
N MET A 247 15.06 -2.90 -8.89
CA MET A 247 13.69 -2.92 -9.38
C MET A 247 12.92 -1.69 -8.94
N LYS A 248 13.15 -1.27 -7.72
CA LYS A 248 12.53 -0.07 -7.21
C LYS A 248 13.03 1.17 -7.95
N GLU A 249 14.35 1.24 -8.11
CA GLU A 249 14.98 2.37 -8.78
C GLU A 249 14.35 2.46 -10.16
N LYS A 250 14.07 1.34 -10.79
CA LYS A 250 13.47 1.33 -12.12
C LYS A 250 12.09 2.06 -12.17
N TRP A 251 11.23 1.82 -11.18
CA TRP A 251 9.86 2.33 -11.21
C TRP A 251 9.71 3.67 -10.49
N TRP A 252 10.67 4.01 -9.63
CA TRP A 252 10.67 5.30 -8.95
C TRP A 252 11.49 6.33 -9.76
N ARG A 253 12.31 5.84 -10.68
CA ARG A 253 13.18 6.67 -11.50
C ARG A 253 12.32 7.72 -12.20
N GLY A 254 12.50 8.99 -11.84
CA GLY A 254 11.68 10.05 -12.38
C GLY A 254 12.40 11.37 -12.57
N SER A 255 11.69 12.34 -13.13
CA SER A 255 12.27 13.66 -13.35
C SER A 255 12.06 14.53 -12.11
N GLY A 256 13.17 15.01 -11.57
CA GLY A 256 13.18 15.62 -10.24
C GLY A 256 12.43 16.91 -10.04
N CYS A 257 12.54 17.45 -8.83
CA CYS A 257 11.82 18.64 -8.40
C CYS A 257 12.76 19.70 -7.84
N PRO A 258 12.64 20.93 -8.34
CA PRO A 258 13.49 22.02 -7.83
C PRO A 258 13.07 22.50 -6.45
O 2QD B . -3.61 -1.53 3.71
C 2QD B . -2.43 -1.63 3.27
OXT 2QD B . -1.80 -2.70 3.12
CA 2QD B . -1.71 -0.34 2.89
N 2QD B . -0.35 -0.67 2.43
CB 2QD B . -2.50 0.47 1.82
CG 2QD B . -2.15 1.97 1.78
CD2 2QD B . -2.22 2.62 3.17
OAG 2QD B . -3.23 2.30 3.86
OAD 2QD B . -1.30 3.41 3.47
CD1 2QD B . -3.07 2.78 0.84
CAH 2QD B . -2.53 2.93 -0.58
CAN 2QD B . -1.01 3.01 -0.64
OAE 2QD B . -0.39 3.96 -0.11
NAK 2QD B . -0.44 1.97 -1.30
CAA 2QD B . 1.04 1.95 -1.42
K K C . -5.85 0.32 -24.89
K K D . 1.43 -24.09 -14.76
CL CL E . -9.24 -8.11 -13.41
#